data_7UDL
#
_entry.id   7UDL
#
_cell.length_a   99.440
_cell.length_b   99.440
_cell.length_c   173.240
_cell.angle_alpha   90.000
_cell.angle_beta   90.000
_cell.angle_gamma   120.000
#
_symmetry.space_group_name_H-M   'H 3 2'
#
loop_
_entity.id
_entity.type
_entity.pdbx_description
1 polymer 'Designed helical repeat protein (DHR) RPB_PLP1_R6'
2 polymer '6xPLP Peptide'
3 non-polymer 1,2-ETHANEDIOL
4 water water
#
loop_
_entity_poly.entity_id
_entity_poly.type
_entity_poly.pdbx_seq_one_letter_code
_entity_poly.pdbx_strand_id
1 'polypeptide(L)'
;PEEERIKYVITVVEQIAKDAHRNGQEELAKLAERTAEEAKKATERGEEETLRIVYVIVVVLQIALEAHRNGQEELAKLAL
RTAEEAIKATERGEEETLRIVYVIVVVLQIALEAHRNGQEELAKLALRTAEEAIKATERGEEETLRIVYVIVVVLQIALE
AHRNGQEELAKLALRTAEEAIKATERGEEETLRIVYVIVVVLQIALEAHRNGQEELAKLALRTAEEAIKATERGEEETER
IVYDIVVVLQEALEAHRNGEEERAKKALDEARRRIEATERGE
;
A
2 'polypeptide(L)' PLPPLPPLPPLPPLPPLPPLP B,D
#
loop_
_chem_comp.id
_chem_comp.type
_chem_comp.name
_chem_comp.formula
EDO non-polymer 1,2-ETHANEDIOL 'C2 H6 O2'
#
# COMPACT_ATOMS: atom_id res chain seq x y z
N GLU A 3 -3.65 -7.31 -26.78
CA GLU A 3 -4.41 -8.07 -27.76
C GLU A 3 -5.14 -9.24 -27.10
N GLU A 4 -4.44 -10.36 -26.94
CA GLU A 4 -5.03 -11.50 -26.25
C GLU A 4 -5.23 -11.22 -24.77
N ARG A 5 -4.45 -10.29 -24.20
CA ARG A 5 -4.56 -10.00 -22.77
C ARG A 5 -5.82 -9.20 -22.46
N ILE A 6 -6.16 -8.22 -23.30
CA ILE A 6 -7.38 -7.46 -23.07
C ILE A 6 -8.60 -8.34 -23.29
N LYS A 7 -8.50 -9.34 -24.17
CA LYS A 7 -9.56 -10.33 -24.28
C LYS A 7 -9.74 -11.09 -22.97
N TYR A 8 -8.63 -11.44 -22.31
CA TYR A 8 -8.71 -12.11 -21.02
C TYR A 8 -9.40 -11.25 -19.98
N VAL A 9 -9.07 -9.96 -19.94
CA VAL A 9 -9.66 -9.07 -18.94
C VAL A 9 -11.16 -8.90 -19.18
N ILE A 10 -11.56 -8.70 -20.44
CA ILE A 10 -12.98 -8.55 -20.75
C ILE A 10 -13.74 -9.83 -20.41
N THR A 11 -13.11 -10.98 -20.67
CA THR A 11 -13.74 -12.25 -20.30
C THR A 11 -13.94 -12.35 -18.79
N VAL A 12 -12.95 -11.92 -18.02
CA VAL A 12 -13.04 -12.01 -16.56
C VAL A 12 -14.17 -11.14 -16.04
N VAL A 13 -14.23 -9.87 -16.49
CA VAL A 13 -15.24 -8.96 -15.96
C VAL A 13 -16.64 -9.40 -16.37
N GLU A 14 -16.78 -10.03 -17.54
CA GLU A 14 -18.08 -10.55 -17.94
C GLU A 14 -18.47 -11.78 -17.11
N GLN A 15 -17.49 -12.56 -16.67
CA GLN A 15 -17.77 -13.65 -15.74
C GLN A 15 -18.25 -13.10 -14.40
N ILE A 16 -17.68 -11.97 -13.97
CA ILE A 16 -18.09 -11.37 -12.70
C ILE A 16 -19.55 -10.93 -12.76
N ALA A 17 -19.95 -10.30 -13.87
CA ALA A 17 -21.33 -9.83 -14.00
C ALA A 17 -22.32 -10.99 -13.98
N LYS A 18 -22.01 -12.08 -14.69
CA LYS A 18 -22.87 -13.24 -14.67
C LYS A 18 -22.96 -13.84 -13.27
N ASP A 19 -21.82 -13.96 -12.58
CA ASP A 19 -21.82 -14.49 -11.22
C ASP A 19 -22.54 -13.55 -10.27
N ALA A 20 -22.35 -12.23 -10.43
CA ALA A 20 -23.02 -11.28 -9.56
C ALA A 20 -24.53 -11.31 -9.76
N HIS A 21 -24.98 -11.43 -11.02
CA HIS A 21 -26.41 -11.58 -11.28
C HIS A 21 -26.96 -12.85 -10.65
N ARG A 22 -26.24 -13.97 -10.81
CA ARG A 22 -26.68 -15.23 -10.23
C ARG A 22 -26.71 -15.16 -8.71
N ASN A 23 -25.78 -14.44 -8.11
CA ASN A 23 -25.73 -14.27 -6.66
C ASN A 23 -26.63 -13.14 -6.16
N GLY A 24 -27.33 -12.45 -7.06
CA GLY A 24 -28.17 -11.35 -6.65
C GLY A 24 -27.44 -10.07 -6.30
N GLN A 25 -26.20 -9.92 -6.77
CA GLN A 25 -25.43 -8.71 -6.53
C GLN A 25 -25.60 -7.76 -7.73
N GLU A 26 -26.79 -7.16 -7.79
CA GLU A 26 -27.16 -6.36 -8.97
C GLU A 26 -26.27 -5.13 -9.13
N GLU A 27 -25.95 -4.45 -8.04
CA GLU A 27 -25.09 -3.27 -8.14
C GLU A 27 -23.71 -3.64 -8.67
N LEU A 28 -23.15 -4.74 -8.16
CA LEU A 28 -21.87 -5.22 -8.68
C LEU A 28 -21.97 -5.65 -10.13
N ALA A 29 -23.06 -6.34 -10.48
CA ALA A 29 -23.21 -6.86 -11.84
C ALA A 29 -23.26 -5.74 -12.87
N LYS A 30 -24.00 -4.67 -12.59
CA LYS A 30 -24.12 -3.57 -13.53
C LYS A 30 -22.80 -2.81 -13.68
N LEU A 31 -22.04 -2.67 -12.59
CA LEU A 31 -20.71 -2.05 -12.70
C LEU A 31 -19.79 -2.87 -13.59
N ALA A 32 -19.85 -4.20 -13.48
CA ALA A 32 -19.04 -5.04 -14.34
C ALA A 32 -19.43 -4.88 -15.80
N GLU A 33 -20.73 -4.78 -16.07
CA GLU A 33 -21.20 -4.62 -17.45
C GLU A 33 -20.69 -3.31 -18.05
N ARG A 34 -20.78 -2.22 -17.28
CA ARG A 34 -20.27 -0.94 -17.78
C ARG A 34 -18.77 -0.97 -17.95
N THR A 35 -18.06 -1.67 -17.05
CA THR A 35 -16.63 -1.85 -17.23
C THR A 35 -16.33 -2.64 -18.50
N ALA A 36 -17.12 -3.69 -18.77
CA ALA A 36 -16.97 -4.42 -20.02
C ALA A 36 -17.27 -3.55 -21.22
N GLU A 37 -18.31 -2.70 -21.11
CA GLU A 37 -18.62 -1.77 -22.19
C GLU A 37 -17.50 -0.76 -22.40
N GLU A 38 -16.94 -0.25 -21.30
CA GLU A 38 -15.84 0.70 -21.42
C GLU A 38 -14.59 0.04 -21.99
N ALA A 39 -14.33 -1.21 -21.61
CA ALA A 39 -13.14 -1.91 -22.08
C ALA A 39 -13.18 -2.11 -23.59
N LYS A 40 -14.36 -2.43 -24.14
CA LYS A 40 -14.50 -2.63 -25.57
C LYS A 40 -14.34 -1.31 -26.33
N LYS A 41 -14.82 -0.20 -25.76
CA LYS A 41 -14.64 1.09 -26.42
C LYS A 41 -13.16 1.47 -26.48
N ALA A 42 -12.42 1.23 -25.40
CA ALA A 42 -10.99 1.57 -25.39
C ALA A 42 -10.19 0.63 -26.27
N THR A 43 -10.64 -0.62 -26.44
CA THR A 43 -9.96 -1.55 -27.33
C THR A 43 -10.04 -1.09 -28.78
N GLU A 44 -11.22 -0.61 -29.21
CA GLU A 44 -11.38 -0.10 -30.56
C GLU A 44 -10.63 1.20 -30.80
N ARG A 45 -10.36 1.97 -29.73
CA ARG A 45 -9.65 3.24 -29.84
C ARG A 45 -8.16 3.11 -29.54
N GLY A 46 -7.71 1.94 -29.09
CA GLY A 46 -6.29 1.75 -28.82
C GLY A 46 -5.74 2.61 -27.69
N GLU A 47 -6.59 2.99 -26.74
CA GLU A 47 -6.18 3.84 -25.63
C GLU A 47 -5.61 2.94 -24.53
N GLU A 48 -4.27 2.88 -24.47
CA GLU A 48 -3.61 2.00 -23.52
C GLU A 48 -3.91 2.39 -22.07
N GLU A 49 -3.92 3.70 -21.78
CA GLU A 49 -4.13 4.16 -20.41
C GLU A 49 -5.51 3.76 -19.89
N THR A 50 -6.53 3.87 -20.75
CA THR A 50 -7.87 3.43 -20.34
C THR A 50 -7.90 1.93 -20.07
N LEU A 51 -7.18 1.15 -20.89
CA LEU A 51 -7.13 -0.29 -20.70
C LEU A 51 -6.42 -0.65 -19.39
N ARG A 52 -5.38 0.12 -19.03
CA ARG A 52 -4.71 -0.12 -17.75
C ARG A 52 -5.66 0.10 -16.59
N ILE A 53 -6.48 1.16 -16.66
CA ILE A 53 -7.47 1.40 -15.63
C ILE A 53 -8.51 0.28 -15.60
N VAL A 54 -8.82 -0.30 -16.77
CA VAL A 54 -9.78 -1.40 -16.82
C VAL A 54 -9.30 -2.58 -15.98
N TYR A 55 -8.02 -2.93 -16.11
CA TYR A 55 -7.48 -4.04 -15.33
C TYR A 55 -7.62 -3.77 -13.83
N VAL A 56 -7.33 -2.55 -13.41
CA VAL A 56 -7.43 -2.21 -11.98
C VAL A 56 -8.89 -2.26 -11.53
N ILE A 57 -9.82 -1.80 -12.37
CA ILE A 57 -11.23 -1.82 -12.00
C ILE A 57 -11.72 -3.25 -11.82
N VAL A 58 -11.29 -4.16 -12.70
CA VAL A 58 -11.72 -5.55 -12.60
C VAL A 58 -11.21 -6.17 -11.30
N VAL A 59 -10.01 -5.79 -10.86
CA VAL A 59 -9.46 -6.32 -9.62
C VAL A 59 -10.31 -5.89 -8.43
N VAL A 60 -10.67 -4.60 -8.39
CA VAL A 60 -11.45 -4.11 -7.26
C VAL A 60 -12.87 -4.68 -7.29
N LEU A 61 -13.37 -5.04 -8.48
CA LEU A 61 -14.64 -5.74 -8.55
C LEU A 61 -14.53 -7.17 -8.06
N GLN A 62 -13.38 -7.80 -8.29
CA GLN A 62 -13.11 -9.10 -7.68
C GLN A 62 -13.06 -8.99 -6.16
N ILE A 63 -12.47 -7.90 -5.66
CA ILE A 63 -12.46 -7.66 -4.22
C ILE A 63 -13.88 -7.53 -3.69
N ALA A 64 -14.72 -6.77 -4.41
CA ALA A 64 -16.09 -6.54 -3.96
C ALA A 64 -16.88 -7.84 -3.89
N LEU A 65 -16.78 -8.67 -4.94
CA LEU A 65 -17.50 -9.94 -4.94
C LEU A 65 -16.99 -10.85 -3.83
N GLU A 66 -15.68 -10.88 -3.61
CA GLU A 66 -15.12 -11.75 -2.58
C GLU A 66 -15.37 -11.20 -1.18
N ALA A 67 -15.34 -9.88 -1.01
CA ALA A 67 -15.64 -9.30 0.29
C ALA A 67 -17.06 -9.62 0.71
N HIS A 68 -18.01 -9.58 -0.23
CA HIS A 68 -19.38 -9.95 0.08
C HIS A 68 -19.46 -11.42 0.51
N ARG A 69 -18.74 -12.30 -0.19
CA ARG A 69 -18.77 -13.72 0.15
C ARG A 69 -18.16 -14.00 1.51
N ASN A 70 -17.33 -13.10 2.03
CA ASN A 70 -16.73 -13.26 3.35
C ASN A 70 -17.44 -12.47 4.43
N GLY A 71 -18.61 -11.90 4.12
CA GLY A 71 -19.33 -11.12 5.11
C GLY A 71 -18.77 -9.74 5.36
N GLN A 72 -17.77 -9.32 4.59
CA GLN A 72 -17.15 -8.00 4.76
C GLN A 72 -17.91 -6.99 3.91
N GLU A 73 -19.10 -6.63 4.39
CA GLU A 73 -20.00 -5.80 3.59
C GLU A 73 -19.48 -4.37 3.46
N GLU A 74 -18.89 -3.82 4.54
CA GLU A 74 -18.34 -2.48 4.46
C GLU A 74 -17.20 -2.39 3.44
N LEU A 75 -16.34 -3.41 3.43
CA LEU A 75 -15.28 -3.46 2.43
C LEU A 75 -15.86 -3.58 1.03
N ALA A 76 -16.92 -4.37 0.89
CA ALA A 76 -17.57 -4.51 -0.42
C ALA A 76 -18.12 -3.17 -0.90
N LYS A 77 -18.75 -2.40 -0.01
CA LYS A 77 -19.31 -1.11 -0.40
C LYS A 77 -18.21 -0.14 -0.81
N LEU A 78 -17.05 -0.18 -0.13
CA LEU A 78 -15.95 0.71 -0.51
C LEU A 78 -15.35 0.30 -1.85
N ALA A 79 -15.29 -1.00 -2.13
CA ALA A 79 -14.80 -1.45 -3.42
C ALA A 79 -15.71 -0.97 -4.56
N LEU A 80 -17.02 -1.04 -4.36
CA LEU A 80 -17.95 -0.56 -5.38
C LEU A 80 -17.78 0.95 -5.60
N ARG A 81 -17.65 1.71 -4.51
CA ARG A 81 -17.45 3.16 -4.65
C ARG A 81 -16.16 3.46 -5.40
N THR A 82 -15.12 2.67 -5.16
CA THR A 82 -13.87 2.84 -5.92
C THR A 82 -14.11 2.60 -7.40
N ALA A 83 -14.85 1.54 -7.74
CA ALA A 83 -15.13 1.25 -9.14
C ALA A 83 -15.96 2.36 -9.78
N GLU A 84 -16.98 2.85 -9.07
CA GLU A 84 -17.81 3.92 -9.62
C GLU A 84 -16.99 5.18 -9.88
N GLU A 85 -16.13 5.55 -8.93
CA GLU A 85 -15.30 6.74 -9.10
C GLU A 85 -14.31 6.55 -10.23
N ALA A 86 -13.77 5.32 -10.37
CA ALA A 86 -12.82 5.05 -11.45
C ALA A 86 -13.50 5.15 -12.81
N ILE A 87 -14.74 4.66 -12.93
CA ILE A 87 -15.44 4.71 -14.21
C ILE A 87 -15.77 6.15 -14.59
N LYS A 88 -16.23 6.96 -13.64
CA LYS A 88 -16.57 8.34 -13.93
C LYS A 88 -15.35 9.12 -14.39
N ALA A 89 -14.19 8.86 -13.79
CA ALA A 89 -12.99 9.61 -14.11
C ALA A 89 -12.42 9.27 -15.47
N THR A 90 -12.77 8.12 -16.04
CA THR A 90 -12.26 7.76 -17.37
C THR A 90 -12.76 8.74 -18.43
N GLU A 91 -14.03 9.13 -18.36
CA GLU A 91 -14.56 10.15 -19.25
C GLU A 91 -14.25 11.56 -18.79
N ARG A 92 -14.00 11.75 -17.49
CA ARG A 92 -13.69 13.08 -16.98
C ARG A 92 -12.37 13.60 -17.55
N GLY A 93 -11.36 12.75 -17.60
CA GLY A 93 -10.08 13.11 -18.16
C GLY A 93 -8.95 13.37 -17.16
N GLU A 94 -9.07 12.91 -15.92
CA GLU A 94 -8.00 13.10 -14.94
C GLU A 94 -6.87 12.13 -15.22
N GLU A 95 -5.68 12.67 -15.46
CA GLU A 95 -4.52 11.82 -15.76
C GLU A 95 -4.06 11.05 -14.54
N GLU A 96 -4.28 11.59 -13.34
CA GLU A 96 -3.86 10.93 -12.11
C GLU A 96 -4.83 9.83 -11.67
N THR A 97 -5.89 9.59 -12.44
CA THR A 97 -6.89 8.60 -12.05
C THR A 97 -6.27 7.23 -11.84
N LEU A 98 -5.38 6.82 -12.75
CA LEU A 98 -4.77 5.49 -12.64
C LEU A 98 -3.99 5.35 -11.34
N ARG A 99 -3.20 6.36 -10.99
CA ARG A 99 -2.38 6.26 -9.78
C ARG A 99 -3.24 6.29 -8.52
N ILE A 100 -4.24 7.17 -8.48
CA ILE A 100 -5.10 7.28 -7.29
C ILE A 100 -5.84 5.98 -7.06
N VAL A 101 -6.49 5.45 -8.11
CA VAL A 101 -7.27 4.23 -7.98
C VAL A 101 -6.36 3.04 -7.65
N TYR A 102 -5.15 3.02 -8.20
CA TYR A 102 -4.23 1.92 -7.93
C TYR A 102 -3.91 1.84 -6.44
N VAL A 103 -3.64 2.99 -5.80
CA VAL A 103 -3.31 2.98 -4.38
C VAL A 103 -4.51 2.51 -3.56
N ILE A 104 -5.71 2.99 -3.91
CA ILE A 104 -6.91 2.60 -3.17
C ILE A 104 -7.14 1.10 -3.27
N VAL A 105 -6.97 0.53 -4.46
CA VAL A 105 -7.20 -0.91 -4.63
C VAL A 105 -6.18 -1.71 -3.84
N VAL A 106 -4.94 -1.22 -3.77
CA VAL A 106 -3.91 -1.93 -3.01
C VAL A 106 -4.25 -1.97 -1.53
N VAL A 107 -4.72 -0.84 -0.97
CA VAL A 107 -5.08 -0.84 0.45
C VAL A 107 -6.34 -1.66 0.68
N LEU A 108 -7.24 -1.73 -0.30
CA LEU A 108 -8.41 -2.59 -0.18
C LEU A 108 -8.00 -4.06 -0.17
N GLN A 109 -6.97 -4.41 -0.95
CA GLN A 109 -6.44 -5.77 -0.90
C GLN A 109 -5.89 -6.10 0.48
N ILE A 110 -5.21 -5.14 1.11
CA ILE A 110 -4.69 -5.34 2.46
C ILE A 110 -5.82 -5.62 3.44
N ALA A 111 -6.92 -4.88 3.32
CA ALA A 111 -8.05 -5.07 4.22
C ALA A 111 -8.61 -6.48 4.11
N LEU A 112 -8.81 -6.95 2.87
CA LEU A 112 -9.32 -8.30 2.67
C LEU A 112 -8.35 -9.36 3.16
N GLU A 113 -7.06 -9.20 2.83
CA GLU A 113 -6.05 -10.17 3.22
C GLU A 113 -5.86 -10.20 4.74
N ALA A 114 -5.84 -9.03 5.38
CA ALA A 114 -5.68 -8.98 6.83
C ALA A 114 -6.86 -9.64 7.54
N HIS A 115 -8.05 -9.52 6.98
CA HIS A 115 -9.22 -10.17 7.57
C HIS A 115 -9.06 -11.69 7.55
N ARG A 116 -8.50 -12.23 6.46
CA ARG A 116 -8.32 -13.67 6.36
C ARG A 116 -7.20 -14.16 7.27
N ASN A 117 -6.24 -13.30 7.61
CA ASN A 117 -5.11 -13.66 8.44
C ASN A 117 -5.32 -13.33 9.91
N GLY A 118 -6.54 -12.96 10.29
CA GLY A 118 -6.84 -12.66 11.68
C GLY A 118 -6.40 -11.31 12.16
N GLN A 119 -5.82 -10.48 11.29
CA GLN A 119 -5.38 -9.13 11.68
C GLN A 119 -6.54 -8.15 11.48
N GLU A 120 -7.53 -8.26 12.36
CA GLU A 120 -8.70 -7.40 12.27
C GLU A 120 -8.35 -5.94 12.54
N GLU A 121 -7.43 -5.70 13.47
CA GLU A 121 -7.01 -4.33 13.76
C GLU A 121 -6.39 -3.68 12.52
N LEU A 122 -5.49 -4.41 11.85
CA LEU A 122 -4.93 -3.92 10.61
C LEU A 122 -6.00 -3.80 9.52
N ALA A 123 -6.92 -4.76 9.46
CA ALA A 123 -7.99 -4.71 8.46
C ALA A 123 -8.88 -3.50 8.68
N LYS A 124 -9.19 -3.17 9.93
CA LYS A 124 -9.99 -1.99 10.21
C LYS A 124 -9.27 -0.71 9.80
N LEU A 125 -7.95 -0.67 10.03
CA LEU A 125 -7.18 0.52 9.64
C LEU A 125 -7.13 0.69 8.13
N ALA A 126 -7.04 -0.43 7.39
CA ALA A 126 -6.99 -0.34 5.93
C ALA A 126 -8.29 0.22 5.36
N LEU A 127 -9.43 -0.16 5.94
CA LEU A 127 -10.71 0.39 5.50
C LEU A 127 -10.76 1.91 5.70
N ARG A 128 -10.31 2.39 6.86
CA ARG A 128 -10.33 3.82 7.13
C ARG A 128 -9.43 4.57 6.15
N THR A 129 -8.27 4.00 5.82
CA THR A 129 -7.39 4.62 4.84
C THR A 129 -8.07 4.69 3.47
N ALA A 130 -8.72 3.60 3.06
CA ALA A 130 -9.43 3.58 1.79
C ALA A 130 -10.56 4.60 1.79
N GLU A 131 -11.32 4.67 2.90
CA GLU A 131 -12.44 5.61 2.97
C GLU A 131 -11.96 7.05 2.82
N GLU A 132 -10.86 7.40 3.49
CA GLU A 132 -10.32 8.75 3.34
C GLU A 132 -9.79 8.99 1.93
N ALA A 133 -9.16 7.98 1.33
CA ALA A 133 -8.71 8.12 -0.04
C ALA A 133 -9.90 8.26 -1.00
N ILE A 134 -10.96 7.47 -0.79
CA ILE A 134 -12.15 7.57 -1.62
C ILE A 134 -12.82 8.93 -1.44
N LYS A 135 -12.92 9.38 -0.18
CA LYS A 135 -13.49 10.70 0.08
C LYS A 135 -12.69 11.80 -0.60
N ALA A 136 -11.37 11.70 -0.56
CA ALA A 136 -10.52 12.72 -1.18
C ALA A 136 -10.73 12.77 -2.68
N THR A 137 -10.89 11.62 -3.32
CA THR A 137 -11.05 11.58 -4.77
C THR A 137 -12.46 12.01 -5.19
N GLU A 138 -13.48 11.63 -4.41
CA GLU A 138 -14.85 11.99 -4.73
C GLU A 138 -15.14 13.46 -4.51
N ARG A 139 -14.32 14.16 -3.74
N ARG A 139 -14.33 14.15 -3.71
CA ARG A 139 -14.59 15.55 -3.39
CA ARG A 139 -14.56 15.53 -3.34
C ARG A 139 -13.57 16.54 -3.93
C ARG A 139 -13.59 16.51 -3.97
N GLY A 140 -12.34 16.12 -4.19
CA GLY A 140 -11.36 17.01 -4.79
C GLY A 140 -10.18 17.38 -3.92
N GLU A 141 -9.80 16.48 -3.01
CA GLU A 141 -8.63 16.70 -2.15
C GLU A 141 -7.40 16.13 -2.84
N GLU A 142 -6.34 16.95 -2.92
CA GLU A 142 -5.14 16.59 -3.69
C GLU A 142 -3.98 16.16 -2.80
N GLU A 143 -3.62 16.98 -1.80
CA GLU A 143 -2.44 16.70 -1.00
C GLU A 143 -2.61 15.43 -0.17
N THR A 144 -3.86 15.06 0.15
CA THR A 144 -4.09 13.90 1.01
C THR A 144 -3.56 12.62 0.38
N LEU A 145 -3.71 12.48 -0.94
CA LEU A 145 -3.30 11.25 -1.61
C LEU A 145 -1.81 10.97 -1.45
N ARG A 146 -1.00 12.02 -1.34
CA ARG A 146 0.44 11.81 -1.10
C ARG A 146 0.67 11.12 0.24
N ILE A 147 -0.05 11.55 1.29
CA ILE A 147 0.06 10.89 2.58
C ILE A 147 -0.53 9.49 2.53
N VAL A 148 -1.58 9.30 1.73
CA VAL A 148 -2.20 7.97 1.61
C VAL A 148 -1.17 6.95 1.13
N TYR A 149 -0.31 7.35 0.19
CA TYR A 149 0.71 6.43 -0.32
C TYR A 149 1.62 5.94 0.80
N VAL A 150 2.07 6.86 1.66
CA VAL A 150 2.96 6.48 2.76
C VAL A 150 2.24 5.57 3.74
N ILE A 151 0.94 5.83 3.97
CA ILE A 151 0.16 5.00 4.89
C ILE A 151 0.04 3.57 4.34
N VAL A 152 -0.25 3.45 3.05
CA VAL A 152 -0.40 2.12 2.46
C VAL A 152 0.92 1.36 2.51
N VAL A 153 2.04 2.06 2.35
CA VAL A 153 3.35 1.41 2.43
C VAL A 153 3.57 0.84 3.83
N VAL A 154 3.29 1.63 4.87
CA VAL A 154 3.53 1.15 6.22
C VAL A 154 2.49 0.09 6.61
N LEU A 155 1.30 0.14 6.02
CA LEU A 155 0.33 -0.94 6.23
C LEU A 155 0.83 -2.24 5.62
N GLN A 156 1.48 -2.16 4.46
CA GLN A 156 2.10 -3.34 3.87
C GLN A 156 3.16 -3.93 4.79
N ILE A 157 3.94 -3.07 5.44
CA ILE A 157 4.97 -3.54 6.37
C ILE A 157 4.34 -4.31 7.52
N ALA A 158 3.25 -3.79 8.08
CA ALA A 158 2.58 -4.47 9.19
C ALA A 158 2.07 -5.84 8.78
N LEU A 159 1.49 -5.94 7.58
CA LEU A 159 0.98 -7.23 7.11
C LEU A 159 2.11 -8.24 6.94
N GLU A 160 3.22 -7.81 6.32
CA GLU A 160 4.34 -8.72 6.10
C GLU A 160 5.05 -9.08 7.40
N ALA A 161 5.20 -8.11 8.30
CA ALA A 161 5.86 -8.39 9.57
C ALA A 161 5.10 -9.43 10.39
N HIS A 162 3.77 -9.33 10.39
CA HIS A 162 2.97 -10.32 11.10
C HIS A 162 3.15 -11.71 10.49
N ARG A 163 3.21 -11.79 9.16
CA ARG A 163 3.37 -13.09 8.51
C ARG A 163 4.78 -13.63 8.67
N ASN A 164 5.78 -12.75 8.84
CA ASN A 164 7.16 -13.14 8.99
C ASN A 164 7.57 -13.35 10.45
N GLY A 165 6.64 -13.21 11.40
CA GLY A 165 6.94 -13.39 12.79
C GLY A 165 7.60 -12.20 13.47
N GLN A 166 7.78 -11.10 12.76
CA GLN A 166 8.36 -9.88 13.35
C GLN A 166 7.24 -9.10 14.04
N GLU A 167 6.84 -9.60 15.21
CA GLU A 167 5.70 -9.00 15.91
C GLU A 167 6.00 -7.61 16.43
N GLU A 168 7.24 -7.36 16.89
N GLU A 168 7.24 -7.36 16.88
CA GLU A 168 7.58 -6.02 17.36
CA GLU A 168 7.59 -6.02 17.35
C GLU A 168 7.50 -5.00 16.23
C GLU A 168 7.48 -5.00 16.22
N LEU A 169 8.00 -5.36 15.03
CA LEU A 169 7.88 -4.46 13.88
C LEU A 169 6.43 -4.27 13.48
N ALA A 170 5.63 -5.34 13.53
CA ALA A 170 4.22 -5.23 13.15
C ALA A 170 3.47 -4.28 14.07
N LYS A 171 3.72 -4.35 15.37
CA LYS A 171 3.07 -3.44 16.31
C LYS A 171 3.46 -2.00 16.04
N LEU A 172 4.76 -1.74 15.81
CA LEU A 172 5.20 -0.39 15.51
C LEU A 172 4.58 0.13 14.22
N ALA A 173 4.50 -0.72 13.20
CA ALA A 173 3.88 -0.31 11.94
C ALA A 173 2.40 0.02 12.14
N LEU A 174 1.70 -0.77 12.96
CA LEU A 174 0.30 -0.47 13.27
C LEU A 174 0.18 0.88 13.96
N ARG A 175 1.06 1.17 14.91
CA ARG A 175 1.02 2.45 15.61
C ARG A 175 1.37 3.61 14.68
N THR A 176 2.34 3.39 13.80
CA THR A 176 2.78 4.47 12.90
C THR A 176 1.65 4.91 11.98
N ALA A 177 0.88 3.95 11.44
CA ALA A 177 -0.21 4.30 10.55
C ALA A 177 -1.30 5.08 11.26
N GLU A 178 -1.60 4.71 12.51
CA GLU A 178 -2.64 5.42 13.26
C GLU A 178 -2.27 6.88 13.49
N GLU A 179 -1.02 7.14 13.87
CA GLU A 179 -0.57 8.52 13.99
C GLU A 179 -0.56 9.25 12.66
N ALA A 180 -0.51 8.51 11.54
CA ALA A 180 -0.63 9.14 10.24
C ALA A 180 -2.09 9.37 9.85
N ILE A 181 -2.95 8.38 10.11
CA ILE A 181 -4.37 8.55 9.85
C ILE A 181 -4.96 9.64 10.75
N LYS A 182 -4.57 9.65 12.02
CA LYS A 182 -5.06 10.68 12.93
C LYS A 182 -4.58 12.06 12.51
N ALA A 183 -3.33 12.17 12.05
CA ALA A 183 -2.81 13.46 11.62
C ALA A 183 -3.35 13.87 10.25
N THR A 184 -3.67 12.91 9.39
CA THR A 184 -4.26 13.23 8.10
C THR A 184 -5.61 13.93 8.27
N GLU A 185 -6.44 13.43 9.18
CA GLU A 185 -7.75 14.02 9.42
C GLU A 185 -7.68 15.21 10.35
N ARG A 186 -6.57 15.41 11.05
CA ARG A 186 -6.38 16.61 11.85
C ARG A 186 -5.73 17.73 11.04
N GLY A 187 -4.84 17.39 10.12
CA GLY A 187 -4.22 18.38 9.26
C GLY A 187 -2.82 18.82 9.66
N GLU A 188 -2.22 18.21 10.68
CA GLU A 188 -0.88 18.58 11.11
C GLU A 188 0.14 18.12 10.08
N GLU A 189 0.65 19.06 9.28
CA GLU A 189 1.61 18.72 8.24
C GLU A 189 3.01 18.46 8.79
N GLU A 190 3.40 19.15 9.86
CA GLU A 190 4.73 18.95 10.44
C GLU A 190 4.86 17.55 11.04
N THR A 191 3.76 16.98 11.53
CA THR A 191 3.80 15.61 12.04
C THR A 191 4.05 14.61 10.91
N LEU A 192 3.46 14.86 9.74
CA LEU A 192 3.59 13.91 8.63
C LEU A 192 5.03 13.77 8.17
N ARG A 193 5.83 14.84 8.29
CA ARG A 193 7.23 14.75 7.89
C ARG A 193 7.99 13.72 8.72
N ILE A 194 7.76 13.71 10.03
CA ILE A 194 8.37 12.69 10.88
C ILE A 194 7.82 11.32 10.55
N VAL A 195 6.55 11.23 10.18
CA VAL A 195 5.94 9.95 9.84
C VAL A 195 6.64 9.32 8.64
N TYR A 196 6.97 10.12 7.63
CA TYR A 196 7.64 9.60 6.44
C TYR A 196 8.97 8.97 6.81
N VAL A 197 9.76 9.63 7.66
CA VAL A 197 11.08 9.12 8.02
C VAL A 197 10.95 7.83 8.83
N ILE A 198 9.93 7.75 9.68
CA ILE A 198 9.73 6.54 10.48
C ILE A 198 9.42 5.35 9.57
N VAL A 199 8.63 5.57 8.52
CA VAL A 199 8.31 4.49 7.59
C VAL A 199 9.57 3.96 6.93
N VAL A 200 10.47 4.87 6.53
CA VAL A 200 11.75 4.44 5.98
C VAL A 200 12.52 3.58 6.98
N VAL A 201 12.49 3.97 8.25
CA VAL A 201 13.13 3.19 9.31
C VAL A 201 12.52 1.80 9.38
N LEU A 202 11.19 1.71 9.31
CA LEU A 202 10.52 0.41 9.37
C LEU A 202 10.84 -0.43 8.14
N GLN A 203 11.01 0.19 6.98
CA GLN A 203 11.44 -0.55 5.79
C GLN A 203 12.80 -1.19 6.02
N ILE A 204 13.72 -0.45 6.64
CA ILE A 204 15.06 -0.98 6.90
C ILE A 204 14.99 -2.17 7.85
N ALA A 205 14.18 -2.07 8.92
CA ALA A 205 14.08 -3.16 9.87
C ALA A 205 13.52 -4.41 9.22
N LEU A 206 12.51 -4.26 8.36
CA LEU A 206 11.96 -5.41 7.65
C LEU A 206 12.99 -6.04 6.73
N GLU A 207 13.73 -5.22 5.97
CA GLU A 207 14.68 -5.77 5.01
C GLU A 207 15.91 -6.37 5.71
N ALA A 208 16.36 -5.74 6.80
CA ALA A 208 17.55 -6.24 7.49
C ALA A 208 17.29 -7.61 8.10
N HIS A 209 16.09 -7.83 8.65
CA HIS A 209 15.75 -9.12 9.21
C HIS A 209 15.78 -10.21 8.15
N ARG A 210 15.28 -9.90 6.96
CA ARG A 210 15.26 -10.89 5.87
C ARG A 210 16.65 -11.12 5.28
N ASN A 211 17.61 -10.23 5.55
CA ASN A 211 18.93 -10.30 4.93
C ASN A 211 20.03 -10.58 5.95
N GLY A 212 19.71 -11.35 6.98
CA GLY A 212 20.72 -11.76 7.95
C GLY A 212 21.42 -10.62 8.65
N GLN A 213 20.69 -9.55 8.95
CA GLN A 213 21.21 -8.36 9.60
C GLN A 213 20.39 -8.03 10.84
N GLU A 214 20.22 -9.04 11.71
CA GLU A 214 19.35 -8.90 12.87
C GLU A 214 19.79 -7.75 13.77
N GLU A 215 21.10 -7.59 13.97
CA GLU A 215 21.58 -6.47 14.79
C GLU A 215 21.16 -5.14 14.19
N LEU A 216 21.29 -5.00 12.86
CA LEU A 216 20.83 -3.80 12.19
C LEU A 216 19.33 -3.60 12.36
N ALA A 217 18.56 -4.69 12.25
CA ALA A 217 17.11 -4.60 12.40
C ALA A 217 16.73 -4.13 13.79
N LYS A 218 17.40 -4.65 14.82
CA LYS A 218 17.11 -4.23 16.19
C LYS A 218 17.39 -2.74 16.38
N LEU A 219 18.51 -2.25 15.84
CA LEU A 219 18.82 -0.83 15.93
C LEU A 219 17.76 0.00 15.23
N ALA A 220 17.25 -0.48 14.09
CA ALA A 220 16.18 0.23 13.41
C ALA A 220 14.92 0.29 14.26
N LEU A 221 14.59 -0.81 14.95
CA LEU A 221 13.43 -0.80 15.83
C LEU A 221 13.60 0.21 16.96
N ARG A 222 14.80 0.28 17.54
CA ARG A 222 15.06 1.28 18.57
C ARG A 222 14.91 2.70 18.01
N THR A 223 15.34 2.91 16.77
CA THR A 223 15.18 4.23 16.15
C THR A 223 13.71 4.59 15.99
N ALA A 224 12.89 3.65 15.50
CA ALA A 224 11.48 3.95 15.29
C ALA A 224 10.74 4.10 16.60
N GLU A 225 11.06 3.24 17.59
CA GLU A 225 10.37 3.33 18.88
C GLU A 225 10.76 4.60 19.62
N GLU A 226 11.99 5.08 19.45
CA GLU A 226 12.37 6.37 20.02
C GLU A 226 11.73 7.53 19.27
N ALA A 227 11.47 7.35 17.97
CA ALA A 227 10.89 8.43 17.17
C ALA A 227 9.42 8.64 17.49
N ILE A 228 8.68 7.57 17.81
CA ILE A 228 7.26 7.70 18.11
C ILE A 228 7.06 8.45 19.43
N LYS A 229 7.92 8.20 20.42
CA LYS A 229 7.82 8.92 21.68
C LYS A 229 8.06 10.42 21.50
N ALA A 230 8.81 10.80 20.47
CA ALA A 230 9.04 12.20 20.16
C ALA A 230 8.01 12.78 19.19
N THR A 231 7.36 11.93 18.39
CA THR A 231 6.23 12.39 17.60
C THR A 231 5.09 12.85 18.49
N GLU A 232 4.89 12.15 19.60
CA GLU A 232 3.93 12.57 20.62
C GLU A 232 4.48 13.67 21.51
N ARG A 233 5.77 14.00 21.37
CA ARG A 233 6.37 15.14 22.07
C ARG A 233 6.33 16.41 21.24
N GLY A 234 6.49 16.29 19.91
CA GLY A 234 6.33 17.43 19.02
C GLY A 234 7.56 18.29 18.81
N GLU A 235 8.64 17.70 18.32
CA GLU A 235 9.87 18.43 18.07
C GLU A 235 10.33 18.25 16.63
N GLU A 236 10.76 19.35 16.01
CA GLU A 236 11.32 19.29 14.66
C GLU A 236 12.76 18.81 14.66
N GLU A 237 13.49 19.04 15.75
CA GLU A 237 14.83 18.47 15.87
C GLU A 237 14.80 16.95 15.90
N THR A 238 13.64 16.36 16.23
CA THR A 238 13.48 14.91 16.14
C THR A 238 13.69 14.42 14.71
N GLU A 239 13.10 15.13 13.75
CA GLU A 239 13.24 14.71 12.35
C GLU A 239 14.70 14.76 11.91
N ARG A 240 15.44 15.80 12.30
CA ARG A 240 16.86 15.85 11.99
C ARG A 240 17.61 14.74 12.72
N ILE A 241 17.27 14.50 13.98
CA ILE A 241 17.95 13.45 14.76
C ILE A 241 17.71 12.08 14.14
N VAL A 242 16.45 11.79 13.81
CA VAL A 242 16.14 10.50 13.20
C VAL A 242 16.80 10.39 11.83
N TYR A 243 16.81 11.48 11.07
CA TYR A 243 17.41 11.46 9.73
C TYR A 243 18.88 11.09 9.79
N ASP A 244 19.62 11.70 10.72
CA ASP A 244 21.04 11.37 10.86
C ASP A 244 21.25 9.90 11.19
N ILE A 245 20.32 9.30 11.93
CA ILE A 245 20.38 7.86 12.16
C ILE A 245 20.01 7.10 10.89
N VAL A 246 19.00 7.57 10.16
CA VAL A 246 18.55 6.87 8.96
C VAL A 246 19.65 6.81 7.93
N VAL A 247 20.37 7.92 7.73
CA VAL A 247 21.41 7.99 6.71
C VAL A 247 22.44 6.88 6.91
N VAL A 248 22.84 6.66 8.17
CA VAL A 248 23.87 5.65 8.45
C VAL A 248 23.28 4.25 8.59
N LEU A 249 22.01 4.13 9.00
CA LEU A 249 21.35 2.82 8.94
C LEU A 249 21.28 2.33 7.50
N GLN A 250 21.02 3.24 6.56
CA GLN A 250 20.95 2.86 5.15
C GLN A 250 22.31 2.38 4.63
N GLU A 251 23.39 3.03 5.08
N GLU A 251 23.40 3.03 5.07
CA GLU A 251 24.73 2.66 4.60
CA GLU A 251 24.72 2.64 4.58
C GLU A 251 25.07 1.22 4.97
C GLU A 251 25.06 1.21 4.97
N ALA A 252 24.76 0.82 6.21
CA ALA A 252 25.04 -0.55 6.64
C ALA A 252 24.22 -1.55 5.83
N LEU A 253 22.96 -1.22 5.54
CA LEU A 253 22.13 -2.08 4.71
C LEU A 253 22.68 -2.18 3.29
N GLU A 254 23.09 -1.04 2.71
N GLU A 254 23.10 -1.05 2.71
CA GLU A 254 23.61 -1.04 1.35
CA GLU A 254 23.60 -1.07 1.33
C GLU A 254 24.97 -1.73 1.28
C GLU A 254 24.98 -1.71 1.26
N ALA A 255 25.80 -1.55 2.31
CA ALA A 255 27.12 -2.18 2.31
C ALA A 255 27.00 -3.70 2.31
N HIS A 256 26.02 -4.24 3.04
CA HIS A 256 25.81 -5.69 3.05
C HIS A 256 25.41 -6.20 1.67
N ARG A 257 24.56 -5.45 0.97
CA ARG A 257 24.14 -5.87 -0.37
C ARG A 257 25.31 -5.95 -1.33
N ASN A 258 26.25 -5.00 -1.23
CA ASN A 258 27.41 -4.95 -2.09
C ASN A 258 28.57 -5.80 -1.59
N GLY A 259 28.34 -6.58 -0.52
CA GLY A 259 29.38 -7.46 0.00
C GLY A 259 30.57 -6.75 0.60
N GLU A 260 30.33 -5.68 1.35
CA GLU A 260 31.38 -4.93 2.03
C GLU A 260 31.08 -4.98 3.53
N GLU A 261 31.52 -6.07 4.18
CA GLU A 261 31.21 -6.26 5.59
C GLU A 261 32.03 -5.32 6.47
N GLU A 262 33.24 -4.96 6.05
CA GLU A 262 34.04 -4.02 6.83
C GLU A 262 33.32 -2.68 6.98
N ARG A 263 32.82 -2.12 5.88
CA ARG A 263 32.10 -0.86 5.95
C ARG A 263 30.74 -1.04 6.62
N ALA A 264 30.12 -2.21 6.46
CA ALA A 264 28.83 -2.45 7.11
C ALA A 264 28.95 -2.35 8.62
N LYS A 265 30.01 -2.92 9.19
CA LYS A 265 30.23 -2.80 10.62
C LYS A 265 30.49 -1.35 11.03
N LYS A 266 31.26 -0.63 10.23
CA LYS A 266 31.56 0.78 10.54
C LYS A 266 30.28 1.60 10.60
N ALA A 267 29.42 1.45 9.59
CA ALA A 267 28.13 2.16 9.61
C ALA A 267 27.26 1.69 10.77
N LEU A 268 27.26 0.38 11.03
CA LEU A 268 26.43 -0.17 12.10
C LEU A 268 26.82 0.42 13.46
N ASP A 269 28.11 0.51 13.73
CA ASP A 269 28.56 1.05 15.02
C ASP A 269 28.25 2.54 15.13
N GLU A 270 28.40 3.30 14.04
CA GLU A 270 28.08 4.72 14.09
C GLU A 270 26.58 4.94 14.24
N ALA A 271 25.76 4.10 13.61
CA ALA A 271 24.32 4.17 13.83
C ALA A 271 23.97 3.90 15.29
N ARG A 272 24.61 2.90 15.89
N ARG A 272 24.61 2.90 15.89
CA ARG A 272 24.36 2.58 17.28
CA ARG A 272 24.34 2.58 17.29
C ARG A 272 24.75 3.74 18.19
C ARG A 272 24.76 3.73 18.19
N ARG A 273 25.89 4.37 17.91
CA ARG A 273 26.33 5.50 18.73
C ARG A 273 25.35 6.66 18.66
N ARG A 274 24.84 6.95 17.47
CA ARG A 274 23.87 8.04 17.32
C ARG A 274 22.58 7.72 18.06
N ILE A 275 22.13 6.46 18.00
CA ILE A 275 20.93 6.07 18.73
C ILE A 275 21.14 6.21 20.24
N GLU A 276 22.31 5.79 20.72
CA GLU A 276 22.57 5.84 22.16
C GLU A 276 22.55 7.28 22.68
N ALA A 277 23.08 8.22 21.90
CA ALA A 277 23.11 9.61 22.33
C ALA A 277 21.71 10.17 22.54
N THR A 278 20.79 9.88 21.61
CA THR A 278 19.42 10.36 21.75
C THR A 278 18.75 9.73 22.96
N GLU A 279 18.95 8.43 23.17
CA GLU A 279 18.38 7.77 24.34
C GLU A 279 19.00 8.27 25.64
N ARG A 280 20.23 8.76 25.57
CA ARG A 280 20.95 9.25 26.75
C ARG A 280 20.30 10.50 27.33
N LEU B 2 -12.44 -24.35 -21.67
CA LEU B 2 -13.82 -24.72 -21.34
C LEU B 2 -14.31 -24.18 -19.99
N PRO B 3 -13.53 -24.32 -18.91
CA PRO B 3 -13.96 -23.76 -17.62
C PRO B 3 -13.75 -22.26 -17.58
N PRO B 4 -14.33 -21.58 -16.60
CA PRO B 4 -14.08 -20.14 -16.46
C PRO B 4 -12.60 -19.85 -16.19
N LEU B 5 -12.14 -18.71 -16.70
CA LEU B 5 -10.76 -18.31 -16.51
C LEU B 5 -10.51 -17.93 -15.05
N PRO B 6 -9.32 -18.22 -14.53
CA PRO B 6 -9.01 -17.84 -13.15
C PRO B 6 -9.03 -16.33 -13.01
N PRO B 7 -9.34 -15.83 -11.82
CA PRO B 7 -9.42 -14.38 -11.62
C PRO B 7 -8.08 -13.70 -11.85
N LEU B 8 -8.14 -12.40 -12.09
CA LEU B 8 -6.93 -11.62 -12.24
C LEU B 8 -6.14 -11.64 -10.93
N PRO B 9 -4.82 -11.77 -11.00
CA PRO B 9 -4.03 -11.76 -9.77
C PRO B 9 -4.09 -10.40 -9.10
N PRO B 10 -3.88 -10.33 -7.78
CA PRO B 10 -3.90 -9.03 -7.10
C PRO B 10 -2.79 -8.12 -7.60
N LEU B 11 -3.04 -6.82 -7.50
CA LEU B 11 -2.04 -5.85 -7.91
C LEU B 11 -0.80 -5.98 -7.04
N PRO B 12 0.40 -5.80 -7.60
CA PRO B 12 1.60 -5.87 -6.79
C PRO B 12 1.63 -4.76 -5.77
N PRO B 13 2.28 -4.97 -4.62
CA PRO B 13 2.34 -3.93 -3.60
C PRO B 13 3.12 -2.71 -4.07
N LEU B 14 2.89 -1.60 -3.39
CA LEU B 14 3.57 -0.36 -3.73
C LEU B 14 5.08 -0.51 -3.50
N PRO B 15 5.91 0.04 -4.39
CA PRO B 15 7.35 0.00 -4.14
C PRO B 15 7.69 0.82 -2.91
N PRO B 16 8.74 0.42 -2.18
CA PRO B 16 9.07 1.11 -0.92
C PRO B 16 9.47 2.55 -1.15
N LEU B 17 9.36 3.35 -0.10
CA LEU B 17 9.74 4.76 -0.18
C LEU B 17 11.22 4.88 -0.53
N PRO B 18 11.59 5.86 -1.36
CA PRO B 18 12.99 5.99 -1.75
C PRO B 18 13.86 6.34 -0.54
N PRO B 19 15.12 5.93 -0.54
CA PRO B 19 15.98 6.20 0.62
C PRO B 19 16.25 7.69 0.82
N LEU B 20 16.46 8.06 2.07
CA LEU B 20 16.77 9.44 2.42
C LEU B 20 18.25 9.74 2.21
N LEU C 2 7.92 10.34 -4.76
CA LEU C 2 7.48 8.96 -4.57
C LEU C 2 7.74 8.13 -5.83
N PRO C 3 8.08 6.86 -5.66
CA PRO C 3 8.49 6.05 -6.81
C PRO C 3 7.32 5.83 -7.77
N PRO C 4 7.61 5.67 -9.06
CA PRO C 4 6.53 5.36 -10.01
C PRO C 4 5.92 4.00 -9.72
N LEU C 5 4.63 3.88 -10.03
CA LEU C 5 3.92 2.64 -9.76
C LEU C 5 4.44 1.52 -10.68
N PRO C 6 4.50 0.29 -10.18
CA PRO C 6 5.06 -0.81 -10.98
C PRO C 6 4.15 -1.17 -12.14
N PRO C 7 4.72 -1.54 -13.28
CA PRO C 7 3.90 -2.08 -14.38
C PRO C 7 3.32 -3.43 -14.00
N LEU C 8 2.14 -3.70 -14.54
CA LEU C 8 1.42 -4.92 -14.19
C LEU C 8 2.13 -6.14 -14.74
N PRO C 9 2.39 -7.16 -13.91
CA PRO C 9 3.04 -8.38 -14.41
C PRO C 9 2.13 -9.17 -15.33
N PRO C 10 2.70 -9.98 -16.22
CA PRO C 10 1.87 -10.77 -17.13
C PRO C 10 1.11 -11.86 -16.40
N LEU C 11 0.01 -12.30 -17.01
CA LEU C 11 -0.86 -13.28 -16.39
C LEU C 11 -0.19 -14.66 -16.39
N PRO C 12 -0.37 -15.44 -15.32
CA PRO C 12 0.17 -16.80 -15.32
C PRO C 12 -0.59 -17.68 -16.30
N PRO C 13 0.04 -18.73 -16.81
CA PRO C 13 -0.64 -19.61 -17.77
C PRO C 13 -1.73 -20.45 -17.10
N LEU C 14 -2.63 -20.95 -17.94
CA LEU C 14 -3.73 -21.77 -17.44
C LEU C 14 -3.19 -23.09 -16.88
N PRO C 15 -3.82 -23.63 -15.83
CA PRO C 15 -3.43 -24.91 -15.24
C PRO C 15 -3.83 -26.10 -16.10
C1 EDO D . 8.00 -2.04 2.18
O1 EDO D . 8.63 -0.76 2.19
C2 EDO D . 6.49 -1.83 2.06
O2 EDO D . 5.85 -3.11 2.24
#